data_4DJT
#
_entry.id   4DJT
#
_cell.length_a   42.570
_cell.length_b   89.250
_cell.length_c   54.980
_cell.angle_alpha   90.000
_cell.angle_beta   108.060
_cell.angle_gamma   90.000
#
_symmetry.space_group_name_H-M   'P 1 21 1'
#
loop_
_entity.id
_entity.type
_entity.pdbx_description
1 polymer 'GTP-binding nuclear protein GSP1'
2 non-polymer "GUANOSINE-5'-DIPHOSPHATE"
3 non-polymer 'MAGNESIUM ION'
4 non-polymer 'SODIUM ION'
5 water water
#
_entity_poly.entity_id   1
_entity_poly.type   'polypeptide(L)'
_entity_poly.pdbx_seq_one_letter_code
;GPGSMERRELTYKICLIGDGGVGKTTYINRVLDGRFEKNYNATVGAVNHPVTFLDDQGNVIKFNVWDTAGQEKKAVLKDV
YYIGASGAILFFDVTSRITCQNLARWVKEFQAVVGNEAPIVVCANKIDIKNRQKISKKLVMEVLKGKNYEYFEISAKTAH
NFGLPFLHLARIFTGRPDLIFVSNVNLEPTEVNYDYHSPEESKYIDYMEQASKMAPEE
;
_entity_poly.pdbx_strand_id   A,B
#
loop_
_chem_comp.id
_chem_comp.type
_chem_comp.name
_chem_comp.formula
GDP RNA linking GUANOSINE-5'-DIPHOSPHATE 'C10 H15 N5 O11 P2'
MG non-polymer 'MAGNESIUM ION' 'Mg 2'
NA non-polymer 'SODIUM ION' 'Na 1'
#
# COMPACT_ATOMS: atom_id res chain seq x y z
N LEU A 10 -2.13 -18.98 12.83
CA LEU A 10 -2.19 -17.74 13.68
C LEU A 10 -3.61 -17.22 13.49
N THR A 11 -4.35 -16.99 14.58
CA THR A 11 -5.83 -16.74 14.50
C THR A 11 -6.22 -15.49 15.25
N TYR A 12 -7.01 -14.64 14.58
CA TYR A 12 -7.35 -13.34 15.13
C TYR A 12 -8.81 -13.06 14.89
N LYS A 13 -9.52 -12.60 15.92
CA LYS A 13 -10.87 -12.12 15.71
C LYS A 13 -10.85 -10.68 15.24
N ILE A 14 -11.64 -10.38 14.22
CA ILE A 14 -11.71 -9.01 13.70
C ILE A 14 -13.18 -8.61 13.67
N CYS A 15 -13.49 -7.41 14.15
CA CYS A 15 -14.86 -6.87 14.05
C CYS A 15 -15.02 -5.93 12.88
N LEU A 16 -16.05 -6.16 12.07
CA LEU A 16 -16.49 -5.13 11.11
C LEU A 16 -17.43 -4.18 11.77
N ILE A 17 -17.15 -2.90 11.66
CA ILE A 17 -17.97 -1.88 12.24
C ILE A 17 -18.19 -0.74 11.28
N GLY A 18 -19.20 0.07 11.59
CA GLY A 18 -19.63 1.13 10.71
C GLY A 18 -21.14 1.13 10.56
N ASP A 19 -21.67 2.26 10.13
CA ASP A 19 -23.13 2.43 10.06
C ASP A 19 -23.80 1.40 9.16
N GLY A 20 -25.08 1.17 9.42
CA GLY A 20 -25.89 0.42 8.50
C GLY A 20 -25.81 1.03 7.11
N GLY A 21 -25.66 0.17 6.11
CA GLY A 21 -25.74 0.59 4.73
C GLY A 21 -24.40 0.92 4.09
N VAL A 22 -23.30 0.85 4.87
CA VAL A 22 -21.99 1.32 4.36
C VAL A 22 -21.27 0.28 3.54
N GLY A 23 -21.69 -1.00 3.64
CA GLY A 23 -21.15 -2.09 2.81
C GLY A 23 -20.38 -3.19 3.58
N LYS A 24 -20.52 -3.27 4.91
CA LYS A 24 -19.82 -4.30 5.69
C LYS A 24 -20.11 -5.71 5.18
N THR A 25 -21.40 -6.03 5.02
CA THR A 25 -21.79 -7.36 4.59
C THR A 25 -21.38 -7.65 3.16
N THR A 26 -21.52 -6.65 2.29
CA THR A 26 -21.07 -6.80 0.89
C THR A 26 -19.57 -7.15 0.81
N TYR A 27 -18.79 -6.51 1.68
CA TYR A 27 -17.37 -6.75 1.77
C TYR A 27 -17.05 -8.19 2.14
N ILE A 28 -17.59 -8.67 3.26
CA ILE A 28 -17.12 -9.92 3.86
C ILE A 28 -17.91 -11.16 3.45
N ASN A 29 -19.17 -11.00 3.02
CA ASN A 29 -20.08 -12.13 2.89
C ASN A 29 -19.80 -12.86 1.54
N ARG A 30 -18.57 -13.37 1.46
CA ARG A 30 -18.06 -14.09 0.32
C ARG A 30 -17.68 -15.49 0.77
N VAL A 31 -17.45 -16.37 -0.17
CA VAL A 31 -17.22 -17.76 0.20
C VAL A 31 -16.03 -17.91 1.13
N LEU A 32 -14.90 -17.27 0.79
CA LEU A 32 -13.68 -17.30 1.66
C LEU A 32 -13.33 -18.75 1.99
N ASP A 33 -13.11 -19.12 3.27
CA ASP A 33 -12.75 -20.50 3.61
C ASP A 33 -13.87 -21.47 3.33
N GLY A 34 -15.09 -20.95 3.14
CA GLY A 34 -16.25 -21.76 2.70
C GLY A 34 -17.52 -21.33 3.45
N ARG A 35 -18.68 -21.57 2.84
CA ARG A 35 -19.95 -21.28 3.54
C ARG A 35 -20.12 -22.05 4.83
N PHE A 36 -19.80 -23.35 4.80
CA PHE A 36 -20.10 -24.24 5.98
C PHE A 36 -19.23 -23.90 7.17
N GLU A 37 -18.08 -23.31 6.90
CA GLU A 37 -17.16 -22.95 7.97
C GLU A 37 -17.65 -21.72 8.75
N LYS A 38 -18.59 -20.97 8.19
CA LYS A 38 -19.07 -19.76 8.85
C LYS A 38 -19.95 -20.18 10.02
N ASN A 39 -20.14 -19.28 10.98
CA ASN A 39 -21.02 -19.61 12.09
C ASN A 39 -21.88 -18.44 12.45
N TYR A 40 -22.99 -18.72 13.13
CA TYR A 40 -23.91 -17.68 13.53
C TYR A 40 -24.13 -17.75 15.02
N ASN A 41 -24.18 -16.60 15.65
CA ASN A 41 -24.43 -16.55 17.06
C ASN A 41 -25.64 -15.65 17.27
N ALA A 42 -26.76 -16.26 17.67
CA ALA A 42 -28.00 -15.54 17.85
C ALA A 42 -27.97 -14.60 19.06
N THR A 43 -27.21 -14.96 20.10
CA THR A 43 -27.15 -14.08 21.28
C THR A 43 -26.53 -12.73 20.90
N VAL A 44 -25.45 -12.78 20.12
CA VAL A 44 -24.79 -11.57 19.70
C VAL A 44 -25.44 -10.91 18.49
N GLY A 45 -26.02 -11.72 17.59
CA GLY A 45 -26.55 -11.18 16.32
C GLY A 45 -25.37 -11.02 15.32
N ALA A 46 -24.60 -12.08 15.16
CA ALA A 46 -23.41 -11.97 14.34
C ALA A 46 -23.08 -13.27 13.65
N VAL A 47 -22.50 -13.14 12.47
CA VAL A 47 -21.94 -14.22 11.72
C VAL A 47 -20.42 -14.10 11.75
N ASN A 48 -19.74 -15.20 12.07
CA ASN A 48 -18.30 -15.28 11.86
C ASN A 48 -17.95 -15.81 10.48
N HIS A 49 -17.09 -15.08 9.78
CA HIS A 49 -16.54 -15.47 8.46
C HIS A 49 -15.07 -15.78 8.56
N PRO A 50 -14.71 -17.07 8.60
CA PRO A 50 -13.27 -17.39 8.58
C PRO A 50 -12.67 -17.15 7.21
N VAL A 51 -11.56 -16.43 7.19
CA VAL A 51 -10.74 -16.27 5.97
C VAL A 51 -9.25 -16.54 6.30
N THR A 52 -8.68 -17.49 5.58
CA THR A 52 -7.32 -17.95 5.76
C THR A 52 -6.46 -17.51 4.58
N PHE A 53 -5.31 -16.96 4.91
CA PHE A 53 -4.27 -16.64 3.95
C PHE A 53 -3.01 -17.42 4.32
N LEU A 54 -2.25 -17.79 3.32
CA LEU A 54 -0.89 -18.31 3.55
C LEU A 54 0.09 -17.18 3.28
N ASP A 55 1.03 -16.98 4.18
CA ASP A 55 2.04 -15.97 3.95
C ASP A 55 3.33 -16.52 3.30
N ASP A 56 4.25 -15.60 3.04
CA ASP A 56 5.47 -15.86 2.25
C ASP A 56 6.48 -16.72 3.00
N GLN A 57 6.22 -16.93 4.28
CA GLN A 57 7.04 -17.80 5.12
C GLN A 57 6.30 -19.06 5.51
N GLY A 58 5.18 -19.32 4.84
CA GLY A 58 4.41 -20.54 5.04
C GLY A 58 3.55 -20.57 6.31
N ASN A 59 3.30 -19.42 6.92
CA ASN A 59 2.39 -19.38 8.07
C ASN A 59 0.95 -19.31 7.57
N VAL A 60 0.08 -20.01 8.29
CA VAL A 60 -1.36 -19.98 8.04
C VAL A 60 -1.94 -18.90 8.94
N ILE A 61 -2.57 -17.90 8.34
CA ILE A 61 -3.09 -16.79 9.07
C ILE A 61 -4.58 -16.76 8.89
N LYS A 62 -5.32 -16.97 9.98
CA LYS A 62 -6.78 -17.05 9.89
C LYS A 62 -7.39 -15.87 10.62
N PHE A 63 -8.25 -15.15 9.90
CA PHE A 63 -9.06 -14.10 10.50
C PHE A 63 -10.49 -14.62 10.68
N ASN A 64 -11.00 -14.49 11.90
CA ASN A 64 -12.40 -14.79 12.16
C ASN A 64 -13.11 -13.48 12.19
N VAL A 65 -13.72 -13.13 11.06
CA VAL A 65 -14.23 -11.79 10.85
C VAL A 65 -15.73 -11.76 11.18
N TRP A 66 -16.11 -11.01 12.21
CA TRP A 66 -17.50 -10.90 12.65
C TRP A 66 -18.23 -9.83 11.94
N ASP A 67 -19.42 -10.15 11.48
CA ASP A 67 -20.31 -9.17 10.81
C ASP A 67 -21.60 -9.19 11.55
N THR A 68 -22.32 -8.07 11.57
CA THR A 68 -23.61 -8.02 12.21
C THR A 68 -24.69 -8.60 11.28
N ALA A 69 -25.88 -8.81 11.85
CA ALA A 69 -27.06 -9.17 11.07
C ALA A 69 -27.99 -7.93 10.81
N GLY A 70 -27.44 -6.73 10.94
CA GLY A 70 -28.13 -5.52 10.59
C GLY A 70 -28.65 -4.72 11.79
N GLN A 71 -28.46 -5.25 13.00
CA GLN A 71 -29.09 -4.62 14.17
C GLN A 71 -28.54 -3.20 14.49
N GLU A 72 -27.34 -2.86 13.96
CA GLU A 72 -26.74 -1.52 14.11
C GLU A 72 -27.60 -0.40 13.51
N LYS A 73 -28.54 -0.76 12.64
CA LYS A 73 -29.40 0.20 11.99
C LYS A 73 -30.32 0.87 12.99
N LYS A 74 -30.74 0.13 13.99
CA LYS A 74 -31.70 0.65 14.97
C LYS A 74 -31.18 0.55 16.42
N ALA A 75 -30.06 -0.13 16.64
CA ALA A 75 -29.64 -0.46 18.01
C ALA A 75 -28.16 -0.38 18.22
N VAL A 76 -27.75 -0.42 19.48
CA VAL A 76 -26.33 -0.48 19.86
C VAL A 76 -25.88 -1.94 19.88
N LEU A 77 -24.67 -2.21 19.43
CA LEU A 77 -24.16 -3.58 19.45
C LEU A 77 -23.78 -3.97 20.86
N LYS A 78 -23.97 -5.26 21.19
CA LYS A 78 -23.62 -5.80 22.49
C LYS A 78 -22.10 -5.84 22.63
N ASP A 79 -21.64 -5.74 23.88
CA ASP A 79 -20.22 -5.83 24.18
C ASP A 79 -19.61 -7.13 23.70
N VAL A 80 -20.36 -8.23 23.78
CA VAL A 80 -19.86 -9.54 23.32
C VAL A 80 -19.49 -9.56 21.83
N TYR A 81 -20.07 -8.66 21.06
CA TYR A 81 -19.64 -8.49 19.68
C TYR A 81 -18.16 -8.13 19.63
N TYR A 82 -17.77 -7.19 20.49
CA TYR A 82 -16.40 -6.67 20.48
C TYR A 82 -15.42 -7.55 21.25
N ILE A 83 -15.88 -8.20 22.31
CA ILE A 83 -14.97 -8.89 23.24
C ILE A 83 -14.09 -9.91 22.53
N GLY A 84 -12.81 -9.88 22.84
CA GLY A 84 -11.87 -10.84 22.27
C GLY A 84 -11.30 -10.43 20.92
N ALA A 85 -11.77 -9.30 20.35
CA ALA A 85 -11.27 -8.81 19.05
C ALA A 85 -9.82 -8.38 19.17
N SER A 86 -9.03 -8.73 18.15
CA SER A 86 -7.67 -8.25 18.00
C SER A 86 -7.61 -6.99 17.17
N GLY A 87 -8.68 -6.68 16.42
CA GLY A 87 -8.68 -5.56 15.51
C GLY A 87 -10.06 -5.30 14.98
N ALA A 88 -10.20 -4.20 14.23
CA ALA A 88 -11.47 -3.82 13.61
C ALA A 88 -11.20 -3.26 12.23
N ILE A 89 -12.17 -3.44 11.33
CA ILE A 89 -12.19 -2.79 10.06
C ILE A 89 -13.43 -1.92 10.08
N LEU A 90 -13.23 -0.61 9.99
CA LEU A 90 -14.29 0.36 10.19
C LEU A 90 -14.58 1.03 8.86
N PHE A 91 -15.82 0.89 8.38
CA PHE A 91 -16.19 1.35 7.06
C PHE A 91 -17.02 2.61 7.15
N PHE A 92 -16.91 3.43 6.12
CA PHE A 92 -17.95 4.40 5.81
C PHE A 92 -18.27 4.37 4.33
N ASP A 93 -19.35 5.02 3.98
CA ASP A 93 -19.82 5.18 2.63
C ASP A 93 -19.41 6.58 2.17
N VAL A 94 -18.56 6.66 1.16
CA VAL A 94 -18.01 7.93 0.71
C VAL A 94 -19.08 8.86 0.13
N THR A 95 -20.28 8.32 -0.10
CA THR A 95 -21.40 9.13 -0.57
C THR A 95 -22.41 9.52 0.54
N SER A 96 -22.08 9.27 1.82
CA SER A 96 -23.00 9.65 2.93
C SER A 96 -22.31 10.22 4.20
N ARG A 97 -22.56 11.52 4.47
CA ARG A 97 -21.87 12.25 5.55
C ARG A 97 -22.21 11.75 6.97
N ILE A 98 -23.43 11.31 7.19
CA ILE A 98 -23.85 10.70 8.47
C ILE A 98 -22.89 9.55 8.87
N THR A 99 -22.60 8.68 7.91
CA THR A 99 -21.77 7.50 8.15
C THR A 99 -20.34 7.89 8.50
N CYS A 100 -19.85 8.96 7.85
CA CYS A 100 -18.56 9.52 8.18
C CYS A 100 -18.57 10.17 9.57
N GLN A 101 -19.63 10.91 9.86
CA GLN A 101 -19.77 11.60 11.16
C GLN A 101 -19.71 10.64 12.36
N ASN A 102 -20.33 9.46 12.22
CA ASN A 102 -20.40 8.51 13.33
CA ASN A 102 -20.39 8.52 13.34
C ASN A 102 -19.10 7.71 13.50
N LEU A 103 -18.08 7.98 12.65
CA LEU A 103 -16.84 7.23 12.77
C LEU A 103 -16.22 7.30 14.17
N ALA A 104 -16.23 8.49 14.77
CA ALA A 104 -15.59 8.68 16.08
C ALA A 104 -16.33 7.89 17.13
N ARG A 105 -17.65 7.85 16.99
CA ARG A 105 -18.53 7.07 17.86
C ARG A 105 -18.22 5.57 17.76
N TRP A 106 -18.01 5.09 16.53
CA TRP A 106 -17.64 3.70 16.30
C TRP A 106 -16.32 3.36 16.88
N VAL A 107 -15.31 4.21 16.63
CA VAL A 107 -14.01 4.00 17.27
C VAL A 107 -14.15 3.95 18.80
N LYS A 108 -14.91 4.87 19.38
CA LYS A 108 -15.02 4.94 20.86
C LYS A 108 -15.73 3.70 21.40
N GLU A 109 -16.75 3.24 20.69
CA GLU A 109 -17.51 2.08 21.11
C GLU A 109 -16.61 0.82 21.11
N PHE A 110 -15.80 0.67 20.06
CA PHE A 110 -14.88 -0.46 19.94
C PHE A 110 -13.81 -0.41 21.03
N GLN A 111 -13.14 0.74 21.13
CA GLN A 111 -12.10 0.96 22.11
C GLN A 111 -12.60 0.91 23.54
N ALA A 112 -13.88 1.23 23.76
CA ALA A 112 -14.44 1.15 25.13
C ALA A 112 -14.48 -0.31 25.64
N VAL A 113 -14.57 -1.28 24.72
CA VAL A 113 -14.48 -2.69 25.06
C VAL A 113 -13.08 -3.35 24.91
N VAL A 114 -12.32 -3.02 23.86
CA VAL A 114 -11.08 -3.74 23.50
CA VAL A 114 -11.07 -3.76 23.63
C VAL A 114 -9.82 -2.95 23.90
N GLY A 115 -9.97 -1.65 24.15
CA GLY A 115 -8.85 -0.77 24.47
C GLY A 115 -8.31 -0.04 23.26
N ASN A 116 -7.30 0.79 23.48
CA ASN A 116 -6.82 1.74 22.49
C ASN A 116 -5.60 1.24 21.73
N GLU A 117 -5.15 0.04 21.98
CA GLU A 117 -3.97 -0.49 21.26
C GLU A 117 -4.33 -1.30 20.00
N ALA A 118 -5.45 -2.00 20.05
CA ALA A 118 -5.89 -2.85 18.93
C ALA A 118 -6.06 -2.05 17.64
N PRO A 119 -5.46 -2.54 16.55
CA PRO A 119 -5.49 -1.77 15.33
C PRO A 119 -6.90 -1.62 14.77
N ILE A 120 -7.18 -0.41 14.28
CA ILE A 120 -8.40 -0.13 13.56
C ILE A 120 -8.02 0.33 12.14
N VAL A 121 -8.54 -0.34 11.12
CA VAL A 121 -8.27 0.02 9.74
C VAL A 121 -9.52 0.69 9.25
N VAL A 122 -9.35 1.84 8.60
CA VAL A 122 -10.50 2.60 8.09
C VAL A 122 -10.60 2.40 6.60
N CYS A 123 -11.80 2.01 6.14
CA CYS A 123 -12.10 1.83 4.73
C CYS A 123 -13.17 2.77 4.21
N ALA A 124 -12.78 3.58 3.23
CA ALA A 124 -13.68 4.36 2.44
C ALA A 124 -14.30 3.46 1.39
N ASN A 125 -15.57 3.09 1.57
CA ASN A 125 -16.22 2.16 0.66
C ASN A 125 -17.13 2.86 -0.37
N LYS A 126 -17.39 2.14 -1.47
CA LYS A 126 -18.29 2.59 -2.54
C LYS A 126 -17.62 3.65 -3.38
N ILE A 127 -16.27 3.61 -3.45
CA ILE A 127 -15.54 4.56 -4.31
C ILE A 127 -15.93 4.40 -5.77
N ASP A 128 -16.67 3.34 -6.08
CA ASP A 128 -17.20 3.15 -7.45
C ASP A 128 -18.35 4.10 -7.83
N ILE A 129 -19.00 4.74 -6.87
CA ILE A 129 -20.19 5.56 -7.19
C ILE A 129 -19.79 6.94 -7.69
N LYS A 134 -18.23 12.91 -3.41
CA LYS A 134 -17.71 11.90 -2.48
C LYS A 134 -17.05 12.58 -1.26
N ILE A 135 -17.22 11.97 -0.08
CA ILE A 135 -16.67 12.51 1.15
C ILE A 135 -15.15 12.46 1.11
N SER A 136 -14.54 13.62 1.26
CA SER A 136 -13.10 13.77 1.32
C SER A 136 -12.52 13.09 2.55
N LYS A 137 -11.37 12.44 2.39
CA LYS A 137 -10.57 12.01 3.50
C LYS A 137 -10.29 13.11 4.58
N LYS A 138 -10.36 14.39 4.19
CA LYS A 138 -10.17 15.48 5.15
C LYS A 138 -11.23 15.44 6.21
N LEU A 139 -12.46 15.16 5.77
CA LEU A 139 -13.59 15.16 6.68
C LEU A 139 -13.44 14.01 7.65
N VAL A 140 -12.91 12.89 7.16
CA VAL A 140 -12.63 11.72 8.04
C VAL A 140 -11.63 12.11 9.12
N MET A 141 -10.55 12.75 8.70
CA MET A 141 -9.52 13.19 9.61
C MET A 141 -10.06 14.15 10.65
N GLU A 142 -10.96 15.04 10.26
CA GLU A 142 -11.52 15.96 11.25
C GLU A 142 -12.52 15.34 12.19
N VAL A 143 -13.39 14.47 11.66
CA VAL A 143 -14.32 13.73 12.50
C VAL A 143 -13.51 12.95 13.53
N LEU A 144 -12.36 12.45 13.12
CA LEU A 144 -11.52 11.65 14.00
C LEU A 144 -10.45 12.49 14.74
N LYS A 145 -10.64 13.82 14.77
CA LYS A 145 -9.78 14.74 15.53
C LYS A 145 -8.34 14.58 15.11
N GLY A 146 -8.13 14.25 13.86
CA GLY A 146 -6.79 14.16 13.34
C GLY A 146 -6.03 12.88 13.62
N LYS A 147 -6.61 11.96 14.43
CA LYS A 147 -5.88 10.72 14.76
C LYS A 147 -5.66 9.89 13.50
N ASN A 148 -4.49 9.32 13.36
CA ASN A 148 -4.19 8.51 12.20
C ASN A 148 -4.64 7.06 12.39
N TYR A 149 -5.27 6.55 11.34
CA TYR A 149 -5.63 5.13 11.19
C TYR A 149 -5.23 4.77 9.79
N GLU A 150 -4.73 3.56 9.60
CA GLU A 150 -4.40 3.08 8.29
C GLU A 150 -5.69 3.08 7.49
N TYR A 151 -5.60 3.55 6.24
CA TYR A 151 -6.78 3.98 5.49
C TYR A 151 -6.70 3.42 4.09
N PHE A 152 -7.79 2.78 3.67
CA PHE A 152 -7.87 2.27 2.30
C PHE A 152 -9.15 2.71 1.62
N GLU A 153 -9.04 3.00 0.32
CA GLU A 153 -10.22 3.22 -0.55
C GLU A 153 -10.55 1.89 -1.20
N ILE A 154 -11.78 1.42 -1.03
CA ILE A 154 -12.18 0.09 -1.56
C ILE A 154 -13.55 0.16 -2.26
N SER A 155 -13.85 -0.88 -3.02
CA SER A 155 -15.22 -1.18 -3.43
C SER A 155 -15.59 -2.59 -2.98
N ALA A 156 -16.44 -2.69 -1.97
CA ALA A 156 -16.88 -3.99 -1.52
C ALA A 156 -17.62 -4.73 -2.62
N LYS A 157 -18.28 -4.00 -3.51
CA LYS A 157 -19.01 -4.63 -4.65
C LYS A 157 -18.07 -5.47 -5.52
N THR A 158 -16.98 -4.87 -5.98
CA THR A 158 -16.10 -5.51 -6.95
C THR A 158 -14.90 -6.20 -6.31
N ALA A 159 -14.81 -6.16 -4.99
CA ALA A 159 -13.69 -6.71 -4.26
C ALA A 159 -12.35 -5.96 -4.52
N HIS A 160 -12.42 -4.75 -5.09
CA HIS A 160 -11.22 -3.92 -5.30
C HIS A 160 -10.57 -3.70 -3.97
N ASN A 161 -9.31 -4.11 -3.86
CA ASN A 161 -8.49 -3.95 -2.66
C ASN A 161 -8.93 -4.78 -1.45
N PHE A 162 -9.63 -5.89 -1.69
CA PHE A 162 -10.20 -6.69 -0.62
C PHE A 162 -9.15 -7.08 0.41
N GLY A 163 -7.99 -7.51 -0.09
CA GLY A 163 -6.95 -8.00 0.77
C GLY A 163 -6.21 -6.99 1.60
N LEU A 164 -6.26 -5.70 1.23
CA LEU A 164 -5.35 -4.74 1.85
C LEU A 164 -5.55 -4.58 3.38
N PRO A 165 -6.83 -4.48 3.87
CA PRO A 165 -6.97 -4.37 5.32
C PRO A 165 -6.39 -5.58 6.05
N PHE A 166 -6.61 -6.77 5.49
CA PHE A 166 -6.10 -8.00 6.13
C PHE A 166 -4.59 -8.07 6.05
N LEU A 167 -4.03 -7.66 4.94
CA LEU A 167 -2.57 -7.62 4.82
C LEU A 167 -1.96 -6.72 5.88
N HIS A 168 -2.51 -5.51 6.05
CA HIS A 168 -2.05 -4.62 7.12
C HIS A 168 -2.15 -5.23 8.51
N LEU A 169 -3.29 -5.82 8.80
CA LEU A 169 -3.55 -6.43 10.10
C LEU A 169 -2.57 -7.57 10.39
N ALA A 170 -2.32 -8.42 9.40
CA ALA A 170 -1.31 -9.51 9.52
C ALA A 170 0.08 -8.98 9.83
N ARG A 171 0.44 -7.87 9.18
CA ARG A 171 1.72 -7.22 9.47
C ARG A 171 1.84 -6.71 10.90
N ILE A 172 0.80 -6.03 11.40
CA ILE A 172 0.74 -5.57 12.78
C ILE A 172 0.88 -6.74 13.76
N PHE A 173 0.06 -7.76 13.55
CA PHE A 173 -0.01 -8.87 14.48
C PHE A 173 1.27 -9.68 14.52
N THR A 174 1.88 -9.91 13.34
CA THR A 174 3.14 -10.68 13.25
C THR A 174 4.37 -9.83 13.53
N GLY A 175 4.24 -8.52 13.38
CA GLY A 175 5.37 -7.62 13.49
C GLY A 175 6.28 -7.57 12.26
N ARG A 176 5.88 -8.23 11.16
CA ARG A 176 6.69 -8.35 9.96
C ARG A 176 6.15 -7.40 8.92
N PRO A 177 6.83 -6.26 8.70
CA PRO A 177 6.29 -5.27 7.77
C PRO A 177 6.34 -5.74 6.32
N ASP A 178 7.18 -6.74 6.06
CA ASP A 178 7.34 -7.28 4.69
C ASP A 178 6.56 -8.55 4.43
N LEU A 179 5.67 -8.91 5.36
CA LEU A 179 4.84 -10.08 5.17
C LEU A 179 3.98 -9.83 3.96
N ILE A 180 3.89 -10.82 3.08
CA ILE A 180 2.91 -10.80 1.97
C ILE A 180 2.06 -12.08 1.95
N PHE A 181 0.90 -12.00 1.29
CA PHE A 181 0.06 -13.17 1.14
C PHE A 181 0.43 -13.84 -0.16
N VAL A 182 0.60 -15.15 -0.13
CA VAL A 182 0.96 -15.88 -1.35
C VAL A 182 -0.16 -16.77 -1.84
N SER A 183 -1.31 -16.73 -1.17
CA SER A 183 -2.50 -17.48 -1.60
C SER A 183 -3.56 -16.49 -2.02
N ASN A 184 -4.48 -16.92 -2.87
CA ASN A 184 -5.60 -16.08 -3.33
C ASN A 184 -6.89 -16.54 -2.67
N VAL A 185 -7.71 -15.59 -2.23
CA VAL A 185 -8.93 -15.97 -1.53
C VAL A 185 -10.12 -16.07 -2.48
N ASN A 186 -11.04 -16.97 -2.17
CA ASN A 186 -12.30 -17.13 -2.94
C ASN A 186 -13.25 -15.97 -2.64
N LEU A 187 -13.45 -15.11 -3.61
CA LEU A 187 -14.18 -13.85 -3.38
C LEU A 187 -15.59 -13.89 -3.91
N GLU A 188 -16.09 -15.09 -4.22
CA GLU A 188 -17.42 -15.20 -4.74
CA GLU A 188 -17.45 -15.28 -4.73
C GLU A 188 -18.44 -14.85 -3.65
N PRO A 189 -19.42 -13.99 -3.99
CA PRO A 189 -20.51 -13.71 -3.04
C PRO A 189 -21.19 -15.00 -2.61
N THR A 190 -21.54 -15.12 -1.33
CA THR A 190 -22.15 -16.36 -0.83
C THR A 190 -23.56 -16.61 -1.33
N GLU A 191 -24.29 -15.55 -1.62
CA GLU A 191 -25.74 -15.60 -1.89
C GLU A 191 -26.54 -16.02 -0.64
N VAL A 192 -25.95 -15.83 0.54
CA VAL A 192 -26.58 -16.14 1.81
C VAL A 192 -26.94 -14.81 2.46
N ASN A 193 -28.23 -14.56 2.55
CA ASN A 193 -28.70 -13.41 3.30
C ASN A 193 -29.04 -13.80 4.71
N TYR A 194 -28.26 -13.28 5.68
CA TYR A 194 -28.49 -13.58 7.07
C TYR A 194 -29.00 -12.35 7.84
N ASP A 195 -29.36 -11.30 7.10
CA ASP A 195 -29.74 -10.06 7.74
C ASP A 195 -31.15 -10.19 8.32
N TYR A 196 -31.36 -9.59 9.47
CA TYR A 196 -32.71 -9.42 9.99
C TYR A 196 -33.43 -8.44 9.10
N HIS A 197 -34.71 -8.66 8.89
CA HIS A 197 -35.51 -7.70 8.17
C HIS A 197 -35.70 -6.45 9.00
N SER A 198 -35.59 -5.30 8.35
CA SER A 198 -35.64 -3.99 9.03
C SER A 198 -36.53 -3.03 8.20
N PRO A 199 -37.80 -2.81 8.63
CA PRO A 199 -38.87 -2.08 7.87
C PRO A 199 -38.62 -0.62 7.51
N GLY B 1 14.71 15.96 21.83
CA GLY B 1 15.25 17.33 21.60
C GLY B 1 16.77 17.26 21.43
N PRO B 2 17.39 18.41 21.15
CA PRO B 2 18.84 18.56 20.99
C PRO B 2 19.64 17.80 22.03
N GLY B 3 20.48 16.88 21.56
CA GLY B 3 21.40 16.14 22.43
C GLY B 3 20.87 14.83 23.00
N SER B 4 19.61 14.49 22.75
CA SER B 4 18.99 13.32 23.42
C SER B 4 19.57 11.97 22.95
N MET B 5 20.12 11.96 21.74
CA MET B 5 20.66 10.73 21.10
C MET B 5 19.58 9.74 20.74
N GLU B 6 18.32 10.10 20.98
CA GLU B 6 17.19 9.20 20.69
C GLU B 6 16.81 9.28 19.20
N ARG B 7 17.21 10.36 18.54
CA ARG B 7 16.85 10.64 17.16
C ARG B 7 17.83 9.96 16.22
N ARG B 8 17.39 8.91 15.53
CA ARG B 8 18.27 8.16 14.64
C ARG B 8 18.29 8.82 13.25
N GLU B 9 19.48 8.88 12.65
CA GLU B 9 19.64 9.31 11.26
C GLU B 9 19.89 8.08 10.45
N LEU B 10 18.84 7.62 9.78
CA LEU B 10 18.87 6.39 9.03
C LEU B 10 18.88 6.74 7.58
N THR B 11 19.88 6.26 6.85
CA THR B 11 20.11 6.66 5.49
C THR B 11 20.23 5.43 4.60
N TYR B 12 19.53 5.46 3.48
CA TYR B 12 19.40 4.29 2.61
C TYR B 12 19.55 4.69 1.18
N LYS B 13 20.38 3.98 0.44
CA LYS B 13 20.41 4.14 -1.04
C LYS B 13 19.32 3.28 -1.68
N ILE B 14 18.51 3.90 -2.54
CA ILE B 14 17.46 3.22 -3.26
C ILE B 14 17.71 3.40 -4.76
N CYS B 15 17.66 2.31 -5.51
CA CYS B 15 17.77 2.35 -6.97
C CYS B 15 16.38 2.37 -7.60
N LEU B 16 16.15 3.32 -8.50
CA LEU B 16 14.97 3.29 -9.36
C LEU B 16 15.30 2.50 -10.59
N ILE B 17 14.45 1.56 -10.94
CA ILE B 17 14.72 0.70 -12.07
C ILE B 17 13.49 0.43 -12.87
N GLY B 18 13.72 -0.10 -14.07
CA GLY B 18 12.65 -0.37 -15.01
C GLY B 18 13.00 0.12 -16.38
N ASP B 19 12.25 -0.37 -17.37
CA ASP B 19 12.51 -0.02 -18.76
C ASP B 19 12.52 1.48 -19.02
N GLY B 20 13.28 1.88 -20.05
CA GLY B 20 13.15 3.21 -20.59
C GLY B 20 11.72 3.59 -20.91
N GLY B 21 11.34 4.81 -20.48
CA GLY B 21 10.02 5.36 -20.73
C GLY B 21 8.90 5.05 -19.74
N VAL B 22 9.19 4.25 -18.71
CA VAL B 22 8.12 3.82 -17.78
C VAL B 22 7.74 4.93 -16.78
N GLY B 23 8.65 5.90 -16.59
CA GLY B 23 8.37 7.13 -15.82
C GLY B 23 9.21 7.32 -14.57
N LYS B 24 10.38 6.68 -14.55
CA LYS B 24 11.28 6.77 -13.36
C LYS B 24 11.66 8.22 -13.03
N THR B 25 12.11 8.94 -14.05
CA THR B 25 12.59 10.30 -13.91
C THR B 25 11.45 11.22 -13.51
N THR B 26 10.29 11.08 -14.15
CA THR B 26 9.12 11.87 -13.78
C THR B 26 8.74 11.71 -12.29
N TYR B 27 8.84 10.50 -11.78
CA TYR B 27 8.55 10.20 -10.39
C TYR B 27 9.46 10.98 -9.46
N ILE B 28 10.77 10.91 -9.71
CA ILE B 28 11.77 11.38 -8.72
C ILE B 28 12.34 12.77 -8.98
N ASN B 29 12.29 13.25 -10.22
CA ASN B 29 13.04 14.46 -10.59
C ASN B 29 12.33 15.73 -10.11
N ARG B 30 12.36 15.91 -8.80
CA ARG B 30 11.62 16.95 -8.11
C ARG B 30 12.55 17.58 -7.07
N VAL B 31 12.15 18.73 -6.52
CA VAL B 31 13.02 19.42 -5.59
C VAL B 31 13.41 18.54 -4.40
N LEU B 32 12.41 17.91 -3.77
CA LEU B 32 12.66 17.05 -2.63
C LEU B 32 13.45 17.83 -1.56
N ASP B 33 14.50 17.23 -1.03
CA ASP B 33 15.33 17.87 -0.01
C ASP B 33 15.98 19.18 -0.48
N GLY B 34 16.12 19.35 -1.79
CA GLY B 34 16.61 20.62 -2.36
C GLY B 34 17.37 20.36 -3.65
N ARG B 35 17.26 21.29 -4.61
CA ARG B 35 18.02 21.19 -5.86
C ARG B 35 19.52 20.94 -5.64
N PHE B 36 20.08 21.58 -4.64
CA PHE B 36 21.52 21.54 -4.51
C PHE B 36 22.04 20.38 -3.63
N GLU B 37 21.15 19.52 -3.17
CA GLU B 37 21.50 18.32 -2.47
C GLU B 37 21.79 17.18 -3.45
N LYS B 38 21.41 17.37 -4.71
CA LYS B 38 21.50 16.32 -5.72
C LYS B 38 22.94 16.24 -6.22
N ASN B 39 23.28 15.12 -6.81
CA ASN B 39 24.64 14.87 -7.29
C ASN B 39 24.55 14.10 -8.58
N TYR B 40 25.30 14.51 -9.60
CA TYR B 40 25.46 13.67 -10.77
C TYR B 40 26.75 12.91 -10.68
N ASN B 41 26.67 11.59 -10.79
CA ASN B 41 27.84 10.70 -10.86
C ASN B 41 28.09 10.34 -12.32
N ALA B 42 29.13 10.93 -12.91
CA ALA B 42 29.49 10.71 -14.31
C ALA B 42 29.97 9.30 -14.65
N THR B 43 30.50 8.58 -13.66
CA THR B 43 30.98 7.20 -13.87
C THR B 43 29.81 6.23 -14.02
N VAL B 44 28.85 6.34 -13.10
CA VAL B 44 27.65 5.52 -13.14
C VAL B 44 26.66 6.01 -14.21
N GLY B 45 26.57 7.32 -14.40
CA GLY B 45 25.53 7.91 -15.24
C GLY B 45 24.23 7.95 -14.47
N ALA B 46 24.28 8.57 -13.28
CA ALA B 46 23.12 8.54 -12.37
C ALA B 46 23.07 9.82 -11.57
N VAL B 47 21.87 10.23 -11.22
CA VAL B 47 21.69 11.35 -10.34
C VAL B 47 21.18 10.79 -9.05
N ASN B 48 21.81 11.19 -7.96
CA ASN B 48 21.27 10.93 -6.64
C ASN B 48 20.37 12.06 -6.20
N HIS B 49 19.13 11.69 -5.84
CA HIS B 49 18.10 12.59 -5.32
C HIS B 49 17.82 12.28 -3.86
N PRO B 50 18.34 13.10 -2.92
CA PRO B 50 18.03 12.94 -1.50
C PRO B 50 16.59 13.33 -1.20
N VAL B 51 15.86 12.45 -0.52
CA VAL B 51 14.56 12.81 -0.01
C VAL B 51 14.45 12.25 1.41
N THR B 52 14.21 13.16 2.34
CA THR B 52 14.18 12.84 3.76
C THR B 52 12.77 12.96 4.30
N PHE B 53 12.43 12.03 5.19
CA PHE B 53 11.15 12.03 5.91
C PHE B 53 11.40 11.94 7.41
N LEU B 54 10.50 12.52 8.20
CA LEU B 54 10.53 12.36 9.62
C LEU B 54 9.44 11.34 10.00
N ASP B 55 9.79 10.35 10.80
CA ASP B 55 8.78 9.38 11.21
C ASP B 55 8.13 9.76 12.53
N ASP B 56 7.14 8.97 12.92
CA ASP B 56 6.34 9.25 14.11
C ASP B 56 7.11 9.12 15.44
N GLN B 57 8.32 8.59 15.37
CA GLN B 57 9.21 8.51 16.54
C GLN B 57 10.29 9.58 16.57
N GLY B 58 10.27 10.50 15.62
CA GLY B 58 11.26 11.55 15.54
C GLY B 58 12.53 11.20 14.79
N ASN B 59 12.57 10.04 14.13
CA ASN B 59 13.79 9.67 13.41
C ASN B 59 13.82 10.34 12.04
N VAL B 60 15.02 10.56 11.55
CA VAL B 60 15.27 11.22 10.28
C VAL B 60 15.67 10.14 9.29
N ILE B 61 14.76 9.83 8.38
CA ILE B 61 14.98 8.77 7.39
C ILE B 61 15.25 9.37 6.02
N LYS B 62 16.50 9.26 5.56
CA LYS B 62 16.92 9.86 4.31
C LYS B 62 17.13 8.77 3.28
N PHE B 63 16.43 8.90 2.16
CA PHE B 63 16.62 8.05 1.01
C PHE B 63 17.46 8.78 -0.05
N ASN B 64 18.57 8.14 -0.42
CA ASN B 64 19.43 8.62 -1.49
C ASN B 64 18.97 7.85 -2.73
N VAL B 65 18.10 8.47 -3.52
CA VAL B 65 17.40 7.76 -4.56
C VAL B 65 18.14 7.99 -5.87
N TRP B 66 18.68 6.90 -6.43
CA TRP B 66 19.44 6.97 -7.69
C TRP B 66 18.56 6.81 -8.88
N ASP B 67 18.77 7.65 -9.88
CA ASP B 67 17.99 7.61 -11.13
C ASP B 67 18.99 7.65 -12.30
N THR B 68 18.73 6.84 -13.33
CA THR B 68 19.60 6.79 -14.50
C THR B 68 19.57 8.09 -15.30
N ALA B 69 20.54 8.20 -16.21
CA ALA B 69 20.62 9.28 -17.21
C ALA B 69 20.17 8.75 -18.59
N GLY B 70 19.35 7.69 -18.57
CA GLY B 70 18.69 7.20 -19.79
C GLY B 70 19.40 6.05 -20.47
N GLN B 71 20.56 5.64 -19.95
CA GLN B 71 21.33 4.55 -20.54
C GLN B 71 20.62 3.18 -20.59
N GLU B 72 19.63 2.96 -19.73
CA GLU B 72 18.88 1.69 -19.74
C GLU B 72 18.20 1.40 -21.08
N LYS B 73 18.01 2.43 -21.92
CA LYS B 73 17.44 2.22 -23.28
C LYS B 73 18.48 1.73 -24.27
N LYS B 74 19.72 1.63 -23.82
CA LYS B 74 20.84 1.24 -24.66
C LYS B 74 21.43 -0.04 -24.13
N ALA B 75 21.61 -0.09 -22.82
CA ALA B 75 22.44 -1.10 -22.23
C ALA B 75 21.94 -1.54 -20.87
N VAL B 76 22.64 -2.54 -20.35
CA VAL B 76 22.64 -2.87 -18.93
C VAL B 76 23.20 -1.67 -18.15
N LEU B 77 22.61 -1.41 -16.98
CA LEU B 77 23.21 -0.44 -16.07
C LEU B 77 24.48 -1.00 -15.47
N LYS B 78 25.44 -0.11 -15.18
CA LYS B 78 26.70 -0.55 -14.59
C LYS B 78 26.48 -1.09 -13.19
N ASP B 79 27.35 -2.02 -12.79
CA ASP B 79 27.28 -2.63 -11.45
C ASP B 79 27.29 -1.57 -10.33
N VAL B 80 28.09 -0.53 -10.52
CA VAL B 80 28.18 0.54 -9.53
C VAL B 80 26.84 1.31 -9.35
N TYR B 81 25.93 1.24 -10.31
CA TYR B 81 24.60 1.83 -10.07
C TYR B 81 23.94 1.16 -8.86
N TYR B 82 24.10 -0.16 -8.78
CA TYR B 82 23.42 -0.95 -7.77
C TYR B 82 24.16 -1.08 -6.45
N ILE B 83 25.49 -1.13 -6.50
CA ILE B 83 26.27 -1.39 -5.28
C ILE B 83 25.88 -0.46 -4.13
N GLY B 84 25.73 -1.04 -2.95
CA GLY B 84 25.43 -0.27 -1.74
C GLY B 84 23.94 0.00 -1.54
N ALA B 85 23.10 -0.42 -2.49
CA ALA B 85 21.66 -0.16 -2.36
C ALA B 85 21.04 -1.02 -1.26
N SER B 86 20.14 -0.43 -0.48
CA SER B 86 19.36 -1.18 0.51
C SER B 86 18.01 -1.68 -0.03
N GLY B 87 17.61 -1.17 -1.20
CA GLY B 87 16.32 -1.46 -1.77
C GLY B 87 16.17 -0.86 -3.15
N ALA B 88 15.09 -1.23 -3.81
CA ALA B 88 14.80 -0.73 -5.17
C ALA B 88 13.34 -0.40 -5.34
N ILE B 89 13.06 0.58 -6.18
CA ILE B 89 11.70 0.85 -6.62
C ILE B 89 11.71 0.55 -8.13
N LEU B 90 10.89 -0.41 -8.53
CA LEU B 90 10.91 -0.90 -9.89
C LEU B 90 9.60 -0.54 -10.57
N PHE B 91 9.69 0.20 -11.66
CA PHE B 91 8.50 0.73 -12.35
CA PHE B 91 8.51 0.75 -12.36
C PHE B 91 8.21 -0.07 -13.60
N PHE B 92 6.93 -0.19 -13.92
CA PHE B 92 6.51 -0.55 -15.28
C PHE B 92 5.41 0.38 -15.66
N ASP B 93 5.06 0.37 -16.94
CA ASP B 93 4.04 1.23 -17.50
C ASP B 93 2.80 0.37 -17.77
N VAL B 94 1.69 0.73 -17.17
CA VAL B 94 0.48 -0.12 -17.20
C VAL B 94 -0.05 -0.28 -18.62
N THR B 95 0.34 0.63 -19.52
CA THR B 95 -0.10 0.58 -20.92
C THR B 95 0.88 -0.18 -21.82
N SER B 96 1.99 -0.64 -21.26
CA SER B 96 2.99 -1.33 -22.05
C SER B 96 3.37 -2.67 -21.44
N ARG B 97 2.76 -3.73 -21.96
CA ARG B 97 2.95 -5.10 -21.46
C ARG B 97 4.39 -5.52 -21.35
N ILE B 98 5.20 -5.22 -22.37
CA ILE B 98 6.61 -5.60 -22.33
C ILE B 98 7.32 -5.05 -21.08
N THR B 99 6.91 -3.88 -20.62
CA THR B 99 7.60 -3.27 -19.47
C THR B 99 7.25 -4.05 -18.20
N CYS B 100 6.07 -4.64 -18.19
CA CYS B 100 5.67 -5.58 -17.15
C CYS B 100 6.43 -6.90 -17.26
N GLN B 101 6.51 -7.47 -18.48
CA GLN B 101 7.28 -8.69 -18.68
C GLN B 101 8.72 -8.53 -18.24
N ASN B 102 9.30 -7.36 -18.50
CA ASN B 102 10.70 -7.12 -18.19
C ASN B 102 11.00 -6.87 -16.71
N LEU B 103 9.97 -6.83 -15.85
CA LEU B 103 10.17 -6.71 -14.39
C LEU B 103 11.09 -7.83 -13.88
N ALA B 104 10.97 -9.02 -14.47
CA ALA B 104 11.75 -10.17 -14.04
C ALA B 104 13.21 -9.95 -14.36
N ARG B 105 13.49 -9.36 -15.51
CA ARG B 105 14.88 -9.13 -15.84
C ARG B 105 15.51 -8.04 -14.93
N TRP B 106 14.73 -7.03 -14.55
CA TRP B 106 15.26 -5.94 -13.71
C TRP B 106 15.53 -6.43 -12.33
N VAL B 107 14.63 -7.28 -11.85
CA VAL B 107 14.81 -7.84 -10.54
C VAL B 107 16.09 -8.66 -10.50
N LYS B 108 16.39 -9.38 -11.58
CA LYS B 108 17.61 -10.19 -11.63
C LYS B 108 18.86 -9.34 -11.72
N GLU B 109 18.82 -8.28 -12.52
CA GLU B 109 19.96 -7.38 -12.67
C GLU B 109 20.30 -6.72 -11.34
N PHE B 110 19.28 -6.33 -10.58
CA PHE B 110 19.48 -5.72 -9.25
C PHE B 110 20.06 -6.72 -8.27
N GLN B 111 19.41 -7.88 -8.20
CA GLN B 111 19.81 -8.94 -7.28
C GLN B 111 21.16 -9.56 -7.64
N ALA B 112 21.58 -9.43 -8.90
CA ALA B 112 22.91 -9.91 -9.29
C ALA B 112 24.02 -9.08 -8.64
N VAL B 113 23.71 -7.85 -8.21
CA VAL B 113 24.64 -7.04 -7.45
C VAL B 113 24.37 -7.09 -5.91
N VAL B 114 23.13 -6.93 -5.49
CA VAL B 114 22.86 -6.68 -4.07
C VAL B 114 22.29 -7.84 -3.31
N GLY B 115 21.94 -8.91 -4.01
CA GLY B 115 21.43 -10.12 -3.36
C GLY B 115 19.92 -10.08 -3.26
N ASN B 116 19.34 -11.10 -2.59
CA ASN B 116 17.86 -11.28 -2.55
C ASN B 116 17.14 -10.99 -1.23
N GLU B 117 17.77 -10.27 -0.31
CA GLU B 117 17.04 -9.84 0.89
C GLU B 117 16.56 -8.37 0.74
N ALA B 118 17.28 -7.57 -0.04
CA ALA B 118 16.92 -6.15 -0.19
C ALA B 118 15.50 -6.03 -0.71
N PRO B 119 14.65 -5.21 -0.04
CA PRO B 119 13.26 -5.13 -0.48
C PRO B 119 13.09 -4.44 -1.83
N ILE B 120 12.07 -4.86 -2.55
CA ILE B 120 11.70 -4.30 -3.84
C ILE B 120 10.24 -3.86 -3.78
N VAL B 121 9.97 -2.64 -4.23
CA VAL B 121 8.63 -2.15 -4.37
C VAL B 121 8.38 -2.04 -5.86
N VAL B 122 7.27 -2.59 -6.32
CA VAL B 122 6.92 -2.53 -7.72
C VAL B 122 5.83 -1.49 -7.90
N CYS B 123 6.08 -0.55 -8.81
CA CYS B 123 5.11 0.50 -9.14
C CYS B 123 4.52 0.38 -10.54
N ALA B 124 3.22 0.17 -10.56
CA ALA B 124 2.44 0.21 -11.79
C ALA B 124 2.15 1.67 -12.10
N ASN B 125 2.88 2.24 -13.05
CA ASN B 125 2.83 3.66 -13.34
C ASN B 125 1.92 4.00 -14.53
N LYS B 126 1.50 5.27 -14.59
CA LYS B 126 0.71 5.88 -15.68
C LYS B 126 -0.77 5.47 -15.60
N ILE B 127 -1.24 5.23 -14.38
CA ILE B 127 -2.65 4.81 -14.14
C ILE B 127 -3.64 5.93 -14.44
N ASP B 128 -3.16 7.16 -14.52
CA ASP B 128 -3.95 8.31 -14.97
C ASP B 128 -4.34 8.24 -16.47
N ILE B 129 -3.62 7.43 -17.25
CA ILE B 129 -3.89 7.35 -18.69
C ILE B 129 -5.18 6.59 -18.89
N LYS B 130 -6.15 7.24 -19.51
CA LYS B 130 -7.54 6.77 -19.56
C LYS B 130 -7.87 6.08 -20.89
N LYS B 137 -3.32 -6.92 -12.80
CA LYS B 137 -2.26 -7.21 -11.82
C LYS B 137 -1.89 -8.69 -11.88
N LYS B 138 -2.72 -9.47 -12.57
CA LYS B 138 -2.46 -10.90 -12.77
C LYS B 138 -1.10 -11.09 -13.42
N LEU B 139 -0.84 -10.33 -14.48
CA LEU B 139 0.42 -10.44 -15.20
C LEU B 139 1.65 -10.21 -14.26
N VAL B 140 1.63 -9.11 -13.48
CA VAL B 140 2.72 -8.85 -12.54
C VAL B 140 2.88 -10.05 -11.61
N MET B 141 1.76 -10.51 -11.08
CA MET B 141 1.71 -11.68 -10.19
C MET B 141 2.47 -12.88 -10.80
N GLU B 142 2.27 -13.10 -12.09
CA GLU B 142 2.84 -14.27 -12.77
C GLU B 142 4.29 -14.00 -13.17
N VAL B 143 4.58 -12.79 -13.65
CA VAL B 143 5.94 -12.43 -14.03
C VAL B 143 6.90 -12.55 -12.86
N LEU B 144 6.46 -12.14 -11.67
CA LEU B 144 7.33 -12.10 -10.50
C LEU B 144 7.09 -13.26 -9.51
N LYS B 145 6.53 -14.36 -10.03
CA LYS B 145 6.13 -15.55 -9.23
C LYS B 145 7.07 -15.91 -8.08
N GLY B 146 8.37 -15.89 -8.32
CA GLY B 146 9.34 -16.28 -7.27
C GLY B 146 9.63 -15.26 -6.16
N LYS B 147 9.07 -14.06 -6.25
CA LYS B 147 9.68 -12.91 -5.60
C LYS B 147 8.79 -12.28 -4.51
N ASN B 148 9.42 -11.78 -3.46
CA ASN B 148 8.71 -10.96 -2.46
CA ASN B 148 8.71 -10.98 -2.51
C ASN B 148 8.83 -9.54 -2.98
N TYR B 149 7.71 -8.87 -3.13
CA TYR B 149 7.69 -7.47 -3.55
C TYR B 149 6.37 -6.88 -3.05
N GLU B 150 6.35 -5.56 -2.92
CA GLU B 150 5.13 -4.84 -2.64
C GLU B 150 4.70 -4.19 -3.94
N TYR B 151 3.40 -4.06 -4.15
CA TYR B 151 2.88 -3.54 -5.40
C TYR B 151 2.03 -2.29 -5.12
N PHE B 152 2.32 -1.20 -5.82
CA PHE B 152 1.45 0.00 -5.73
C PHE B 152 1.10 0.50 -7.13
N GLU B 153 -0.09 1.07 -7.27
CA GLU B 153 -0.52 1.72 -8.51
C GLU B 153 -0.34 3.23 -8.29
N ILE B 154 0.44 3.85 -9.17
CA ILE B 154 0.80 5.26 -9.02
C ILE B 154 0.65 6.02 -10.35
N SER B 155 0.69 7.35 -10.25
CA SER B 155 0.95 8.19 -11.40
C SER B 155 2.11 9.12 -11.07
N ALA B 156 3.24 8.83 -11.69
CA ALA B 156 4.42 9.69 -11.50
C ALA B 156 4.14 11.11 -12.00
N LYS B 157 3.29 11.26 -13.00
CA LYS B 157 3.00 12.59 -13.57
C LYS B 157 2.35 13.51 -12.56
N THR B 158 1.40 13.00 -11.77
CA THR B 158 0.68 13.83 -10.82
C THR B 158 1.20 13.65 -9.39
N ALA B 159 2.13 12.71 -9.23
CA ALA B 159 2.73 12.38 -7.93
C ALA B 159 1.75 11.59 -7.07
N HIS B 160 0.74 11.00 -7.69
CA HIS B 160 -0.26 10.20 -6.99
C HIS B 160 0.44 9.04 -6.35
N ASN B 161 0.33 8.97 -5.03
CA ASN B 161 0.88 7.86 -4.25
C ASN B 161 2.42 7.89 -4.17
N PHE B 162 3.01 9.07 -4.37
CA PHE B 162 4.45 9.25 -4.32
C PHE B 162 5.08 8.65 -3.05
N GLY B 163 4.44 8.88 -1.91
CA GLY B 163 5.00 8.50 -0.64
C GLY B 163 4.95 7.03 -0.34
N LEU B 164 4.07 6.26 -1.01
CA LEU B 164 3.79 4.86 -0.59
C LEU B 164 5.02 3.92 -0.66
N PRO B 165 5.81 4.01 -1.74
CA PRO B 165 7.02 3.13 -1.76
C PRO B 165 8.00 3.43 -0.61
N PHE B 166 8.18 4.70 -0.31
CA PHE B 166 9.11 5.14 0.73
C PHE B 166 8.58 4.76 2.10
N LEU B 167 7.28 4.92 2.31
CA LEU B 167 6.66 4.45 3.56
C LEU B 167 6.90 2.96 3.76
N HIS B 168 6.67 2.18 2.71
CA HIS B 168 6.86 0.72 2.81
C HIS B 168 8.30 0.37 3.09
N LEU B 169 9.23 1.05 2.40
CA LEU B 169 10.65 0.83 2.67
C LEU B 169 11.05 1.15 4.13
N ALA B 170 10.56 2.27 4.63
CA ALA B 170 10.83 2.72 6.01
C ALA B 170 10.31 1.74 7.04
N ARG B 171 9.11 1.20 6.79
CA ARG B 171 8.52 0.18 7.67
C ARG B 171 9.42 -1.05 7.71
N ILE B 172 9.86 -1.53 6.55
CA ILE B 172 10.76 -2.69 6.47
C ILE B 172 12.10 -2.40 7.18
N PHE B 173 12.72 -1.27 6.85
CA PHE B 173 14.02 -0.96 7.45
C PHE B 173 14.01 -0.77 8.97
N THR B 174 12.93 -0.23 9.52
CA THR B 174 12.81 0.03 10.95
C THR B 174 12.17 -1.16 11.67
N GLY B 175 11.63 -2.09 10.89
CA GLY B 175 10.85 -3.24 11.40
C GLY B 175 9.52 -2.89 12.05
N ARG B 176 8.97 -1.73 11.73
CA ARG B 176 7.77 -1.24 12.39
C ARG B 176 6.64 -1.19 11.34
N PRO B 177 5.73 -2.20 11.34
CA PRO B 177 4.61 -2.11 10.38
C PRO B 177 3.70 -0.90 10.57
N ASP B 178 3.83 -0.22 11.71
CA ASP B 178 2.92 0.87 12.10
C ASP B 178 3.60 2.24 11.94
N LEU B 179 4.84 2.25 11.47
CA LEU B 179 5.55 3.50 11.21
C LEU B 179 4.72 4.38 10.27
N ILE B 180 4.68 5.68 10.54
CA ILE B 180 4.18 6.67 9.58
C ILE B 180 5.16 7.82 9.45
N PHE B 181 5.06 8.51 8.32
CA PHE B 181 5.76 9.75 8.11
C PHE B 181 4.91 10.92 8.59
N VAL B 182 5.54 11.87 9.27
CA VAL B 182 4.85 13.03 9.81
C VAL B 182 5.28 14.34 9.15
N SER B 183 6.16 14.23 8.14
CA SER B 183 6.62 15.35 7.35
C SER B 183 6.08 15.26 5.92
N ASN B 184 6.26 16.35 5.18
CA ASN B 184 5.83 16.48 3.79
C ASN B 184 7.03 16.71 2.88
N VAL B 185 6.81 16.51 1.59
CA VAL B 185 7.89 16.57 0.61
C VAL B 185 7.61 17.64 -0.42
N ASN B 186 8.62 18.46 -0.73
CA ASN B 186 8.55 19.35 -1.85
C ASN B 186 8.59 18.57 -3.18
N LEU B 187 7.45 18.57 -3.88
CA LEU B 187 7.28 17.72 -5.06
C LEU B 187 7.38 18.49 -6.38
N GLU B 188 7.81 19.73 -6.32
CA GLU B 188 7.93 20.52 -7.53
C GLU B 188 8.92 19.89 -8.52
N PRO B 189 8.47 19.61 -9.75
CA PRO B 189 9.41 19.14 -10.78
C PRO B 189 10.55 20.14 -10.99
N THR B 190 11.76 19.63 -11.16
CA THR B 190 12.93 20.51 -11.28
C THR B 190 13.06 21.18 -12.64
N GLU B 191 12.43 20.62 -13.67
CA GLU B 191 12.59 21.14 -15.07
C GLU B 191 14.04 21.04 -15.54
N VAL B 192 14.82 20.16 -14.94
CA VAL B 192 16.18 19.88 -15.39
C VAL B 192 16.19 18.55 -16.09
N ASN B 193 16.71 18.53 -17.32
CA ASN B 193 16.87 17.30 -18.09
C ASN B 193 18.32 16.89 -17.98
N TYR B 194 18.56 15.74 -17.38
CA TYR B 194 19.91 15.21 -17.16
C TYR B 194 20.10 13.90 -17.89
N ASP B 195 19.27 13.67 -18.91
CA ASP B 195 19.33 12.41 -19.64
C ASP B 195 20.49 12.39 -20.66
N TYR B 196 21.69 12.64 -20.14
CA TYR B 196 22.88 12.69 -20.99
C TYR B 196 23.21 11.40 -21.76
N HIS B 197 22.70 10.27 -21.30
CA HIS B 197 22.99 8.99 -21.91
C HIS B 197 21.77 8.40 -22.58
N SER B 198 20.74 9.20 -22.80
CA SER B 198 19.60 8.73 -23.58
C SER B 198 20.03 8.66 -25.06
N PRO B 199 19.89 7.48 -25.69
CA PRO B 199 20.45 7.32 -27.04
C PRO B 199 19.94 8.37 -28.03
N GLU B 200 20.85 8.97 -28.78
CA GLU B 200 20.49 9.95 -29.79
C GLU B 200 20.50 9.22 -31.14
N GLU B 201 19.32 8.97 -31.69
CA GLU B 201 19.21 8.31 -32.96
C GLU B 201 19.31 9.34 -34.06
N SER B 202 19.90 8.96 -35.18
CA SER B 202 19.86 9.81 -36.34
C SER B 202 18.48 9.63 -36.98
N LYS B 203 17.81 10.74 -37.22
CA LYS B 203 16.42 10.76 -37.70
C LYS B 203 16.32 11.38 -39.09
N TYR B 204 15.19 11.12 -39.75
CA TYR B 204 14.89 11.74 -41.04
C TYR B 204 16.03 11.52 -42.03
N ILE B 205 16.55 10.28 -42.06
CA ILE B 205 17.57 9.86 -43.04
C ILE B 205 17.07 10.03 -44.47
N ASP B 206 17.84 10.73 -45.30
CA ASP B 206 17.48 11.06 -46.68
C ASP B 206 16.05 11.62 -46.87
N TYR B 207 15.58 12.40 -45.90
CA TYR B 207 14.25 12.93 -45.93
C TYR B 207 13.97 13.71 -47.21
N MET B 208 14.96 14.47 -47.68
CA MET B 208 14.71 15.38 -48.81
C MET B 208 14.82 14.63 -50.12
N GLU B 209 15.12 13.32 -50.03
CA GLU B 209 15.06 12.44 -51.20
C GLU B 209 16.05 12.90 -52.28
N GLN B 210 17.31 13.06 -51.87
CA GLN B 210 18.29 13.86 -52.63
C GLN B 210 18.96 13.07 -53.77
PB GDP C . -24.02 -3.00 5.71
O1B GDP C . -23.74 -4.49 5.95
O2B GDP C . -22.89 -2.07 6.13
O3B GDP C . -25.41 -2.59 6.18
O3A GDP C . -24.15 -2.75 4.12
PA GDP C . -24.53 -3.79 2.97
O1A GDP C . -23.36 -4.69 2.60
O2A GDP C . -25.84 -4.43 3.34
O5' GDP C . -24.75 -2.90 1.69
C5' GDP C . -25.68 -1.80 1.78
C4' GDP C . -26.04 -1.39 0.36
O4' GDP C . -24.90 -0.80 -0.25
C3' GDP C . -26.40 -2.55 -0.51
O3' GDP C . -27.38 -2.13 -1.43
C2' GDP C . -25.16 -2.89 -1.29
O2' GDP C . -25.40 -3.45 -2.59
C1' GDP C . -24.53 -1.51 -1.38
N9 GDP C . -23.07 -1.61 -1.42
C8 GDP C . -22.24 -2.19 -0.53
N7 GDP C . -20.96 -2.06 -0.96
C5 GDP C . -20.97 -1.35 -2.08
C6 GDP C . -19.97 -0.83 -3.04
O6 GDP C . -18.73 -1.03 -2.88
N1 GDP C . -20.43 -0.13 -4.09
C2 GDP C . -21.76 0.10 -4.29
N2 GDP C . -22.16 0.80 -5.36
N3 GDP C . -22.71 -0.35 -3.46
C4 GDP C . -22.37 -1.06 -2.37
MG MG D . -24.78 -5.92 7.14
PB GDP E . 12.10 6.99 -17.68
O1B GDP E . 12.82 6.61 -18.93
O2B GDP E . 11.60 5.81 -16.98
O3B GDP E . 12.86 7.94 -16.80
O3A GDP E . 10.75 7.79 -18.07
PA GDP E . 10.41 9.35 -18.06
O1A GDP E . 11.40 10.06 -18.89
O2A GDP E . 10.20 9.90 -16.64
O5' GDP E . 8.97 9.45 -18.79
C5' GDP E . 8.81 8.95 -20.12
C4' GDP E . 7.55 9.55 -20.69
O4' GDP E . 6.43 9.07 -19.89
C3' GDP E . 7.52 11.05 -20.62
O3' GDP E . 6.96 11.60 -21.83
C2' GDP E . 6.67 11.31 -19.40
O2' GDP E . 6.00 12.57 -19.43
C1' GDP E . 5.71 10.15 -19.40
N9 GDP E . 5.22 9.77 -18.05
C8 GDP E . 5.96 9.39 -16.98
N7 GDP E . 5.17 9.09 -15.93
C5 GDP E . 3.89 9.31 -16.34
C6 GDP E . 2.54 9.17 -15.77
O6 GDP E . 2.39 8.83 -14.58
N1 GDP E . 1.48 9.44 -16.54
C2 GDP E . 1.61 9.84 -17.83
N2 GDP E . 0.49 10.12 -18.54
N3 GDP E . 2.81 9.98 -18.44
C4 GDP E . 3.96 9.71 -17.76
MG MG F . 14.81 8.66 -16.93
NA NA G . 18.78 13.88 -38.82
#